data_3UGW
#
_entry.id   3UGW
#
_cell.length_a   62.100
_cell.length_b   49.866
_cell.length_c   65.514
_cell.angle_alpha   90.00
_cell.angle_beta   107.23
_cell.angle_gamma   90.00
#
_symmetry.space_group_name_H-M   'P 1 21 1'
#
loop_
_entity.id
_entity.type
_entity.pdbx_description
1 polymer Lactotransferrin
2 polymer 'C-terminal peptide from Lactotransferrin'
3 branched 2-acetamido-2-deoxy-beta-D-glucopyranose-(1-4)-2-acetamido-2-deoxy-beta-D-glucopyranose
4 non-polymer 'ZINC ION'
5 non-polymer 'FE (III) ION'
6 non-polymer 'CARBONATE ION'
7 non-polymer 'SULFATE ION'
8 non-polymer 2-acetamido-2-deoxy-beta-D-glucopyranose
9 non-polymer GLYCEROL
10 non-polymer "2'-DEOXYCYTIDINE"
11 water water
#
loop_
_entity_poly.entity_id
_entity_poly.type
_entity_poly.pdbx_seq_one_letter_code
_entity_poly.pdbx_strand_id
1 'polypeptide(L)'
;YTRVVWCAVGPEEQKKCQQWSQQSGQNVTCATASTTDDCIVLVLKGEADALNLDGGYIYTAGKCGLVPVLAENRKSSKHS
SLDCVLRPTEGYLAVAVVKKANEGLTWNSLKDKKSCHTAVDRTAGWNIPMGLIVNQTGSCAFDEFFSQSCAPGADPKSRL
CALCAGDDQGLDKCVPNSKEKYYGYTGAFRCLAEDVGDVAFVKNDTVWENTNGESTADWAKNLKREDFRLLCLDGTRKPV
TEAQSCHLAVAPNHAVVSRSDRAAHVEQVLLHQQALFGKNGKNCPDKFCLFKSETKNLLFNDNTECLAKLGGRPTYEEYL
GTEYVTAIANLKKCS
;
A
2 'polypeptide(L)' LEACAF B
#
loop_
_chem_comp.id
_chem_comp.type
_chem_comp.name
_chem_comp.formula
CO3 non-polymer 'CARBONATE ION' 'C O3 -2'
DCZ DNA OH 5 prime terminus 2'-DEOXYCYTIDINE 'C9 H13 N3 O4'
FE non-polymer 'FE (III) ION' 'Fe 3'
GOL non-polymer GLYCEROL 'C3 H8 O3'
NAG D-saccharide, beta linking 2-acetamido-2-deoxy-beta-D-glucopyranose 'C8 H15 N O6'
SO4 non-polymer 'SULFATE ION' 'O4 S -2'
ZN non-polymer 'ZINC ION' 'Zn 2'
#
# COMPACT_ATOMS: atom_id res chain seq x y z
N TYR A 1 -9.41 -29.17 -5.52
CA TYR A 1 -10.10 -28.03 -6.23
C TYR A 1 -9.86 -26.70 -5.48
N THR A 2 -9.11 -26.81 -4.38
CA THR A 2 -8.48 -25.66 -3.77
C THR A 2 -7.15 -25.38 -4.48
N ARG A 3 -7.24 -25.24 -5.81
CA ARG A 3 -6.29 -24.40 -6.54
C ARG A 3 -6.78 -22.93 -6.38
N VAL A 4 -5.91 -22.05 -5.86
CA VAL A 4 -6.25 -20.62 -5.71
C VAL A 4 -5.56 -19.82 -6.80
N VAL A 5 -6.34 -18.99 -7.49
CA VAL A 5 -5.80 -18.19 -8.53
C VAL A 5 -5.49 -16.80 -7.89
N TRP A 6 -4.21 -16.48 -7.79
CA TRP A 6 -3.79 -15.19 -7.27
C TRP A 6 -3.85 -14.16 -8.37
N CYS A 7 -4.28 -12.92 -8.07
CA CYS A 7 -4.18 -11.82 -9.05
C CYS A 7 -2.95 -10.89 -8.80
N ALA A 8 -2.03 -10.90 -9.80
CA ALA A 8 -0.73 -10.14 -9.79
C ALA A 8 -0.92 -8.86 -10.57
N VAL A 9 -0.52 -7.73 -9.97
CA VAL A 9 -0.64 -6.45 -10.55
C VAL A 9 0.68 -6.02 -11.23
N GLY A 10 0.65 -6.09 -12.58
CA GLY A 10 1.82 -5.77 -13.37
C GLY A 10 2.82 -6.90 -13.45
N PRO A 11 3.82 -6.74 -14.35
CA PRO A 11 4.77 -7.83 -14.71
C PRO A 11 5.74 -8.29 -13.65
N GLU A 12 6.11 -7.45 -12.70
CA GLU A 12 7.03 -7.91 -11.71
C GLU A 12 6.31 -8.75 -10.64
N GLU A 13 5.10 -8.34 -10.27
CA GLU A 13 4.28 -9.22 -9.43
C GLU A 13 3.95 -10.52 -10.15
N GLN A 14 3.73 -10.47 -11.47
CA GLN A 14 3.39 -11.68 -12.23
C GLN A 14 4.56 -12.62 -12.07
N LYS A 15 5.74 -12.09 -12.23
CA LYS A 15 6.96 -12.94 -12.18
C LYS A 15 7.12 -13.57 -10.80
N LYS A 16 6.94 -12.81 -9.73
CA LYS A 16 6.97 -13.45 -8.36
C LYS A 16 5.89 -14.53 -8.16
N CYS A 17 4.70 -14.23 -8.65
CA CYS A 17 3.56 -15.13 -8.52
C CYS A 17 3.89 -16.41 -9.22
N GLN A 18 4.48 -16.33 -10.44
CA GLN A 18 4.92 -17.53 -11.17
C GLN A 18 5.90 -18.34 -10.40
N GLN A 19 6.84 -17.69 -9.71
CA GLN A 19 7.79 -18.48 -8.92
C GLN A 19 7.03 -19.19 -7.75
N TRP A 20 6.15 -18.46 -7.06
CA TRP A 20 5.31 -19.05 -6.00
C TRP A 20 4.50 -20.20 -6.58
N SER A 21 3.89 -19.96 -7.76
CA SER A 21 3.05 -20.99 -8.38
C SER A 21 3.87 -22.27 -8.57
N GLN A 22 4.98 -22.16 -9.29
CA GLN A 22 5.94 -23.25 -9.39
C GLN A 22 6.27 -23.94 -8.06
N GLN A 23 6.62 -23.20 -7.01
CA GLN A 23 7.03 -23.84 -5.77
C GLN A 23 5.89 -24.51 -4.99
N SER A 24 4.66 -24.01 -5.16
CA SER A 24 3.48 -24.48 -4.47
C SER A 24 2.93 -25.73 -5.15
N GLY A 25 3.59 -26.19 -6.22
CA GLY A 25 3.08 -27.32 -7.01
C GLY A 25 1.76 -27.03 -7.73
N GLN A 26 1.54 -25.76 -8.11
CA GLN A 26 0.30 -25.32 -8.78
C GLN A 26 -0.85 -25.25 -7.83
N ASN A 27 -0.62 -25.25 -6.53
CA ASN A 27 -1.69 -25.03 -5.59
C ASN A 27 -2.19 -23.59 -5.64
N VAL A 28 -1.29 -22.69 -6.04
CA VAL A 28 -1.63 -21.33 -6.40
C VAL A 28 -1.17 -21.20 -7.85
N THR A 29 -1.96 -20.48 -8.63
CA THR A 29 -1.60 -20.11 -10.00
C THR A 29 -1.94 -18.64 -10.13
N CYS A 30 -1.70 -18.04 -11.30
CA CYS A 30 -1.59 -16.58 -11.42
C CYS A 30 -2.44 -16.06 -12.56
N ALA A 31 -3.16 -15.00 -12.28
CA ALA A 31 -3.79 -14.17 -13.29
C ALA A 31 -3.04 -12.85 -13.13
N THR A 32 -2.94 -12.05 -14.18
CA THR A 32 -2.26 -10.74 -14.09
C THR A 32 -3.14 -9.69 -14.74
N ALA A 33 -3.12 -8.54 -14.11
CA ALA A 33 -3.81 -7.35 -14.65
C ALA A 33 -2.83 -6.14 -14.54
N SER A 34 -3.17 -5.03 -15.21
CA SER A 34 -2.24 -3.88 -15.24
C SER A 34 -2.46 -3.03 -14.00
N THR A 35 -3.65 -3.08 -13.37
CA THR A 35 -3.97 -2.25 -12.24
C THR A 35 -4.77 -3.02 -11.20
N THR A 36 -4.61 -2.59 -9.95
CA THR A 36 -5.39 -3.21 -8.85
C THR A 36 -6.91 -3.21 -9.18
N ASP A 37 -7.44 -2.15 -9.72
CA ASP A 37 -8.85 -2.17 -10.07
C ASP A 37 -9.18 -3.24 -11.11
N ASP A 38 -8.31 -3.46 -12.10
CA ASP A 38 -8.56 -4.51 -13.03
C ASP A 38 -8.48 -5.90 -12.36
N CYS A 39 -7.65 -6.02 -11.34
CA CYS A 39 -7.52 -7.29 -10.62
C CYS A 39 -8.80 -7.60 -9.83
N ILE A 40 -9.42 -6.54 -9.31
CA ILE A 40 -10.64 -6.61 -8.53
C ILE A 40 -11.77 -7.08 -9.51
N VAL A 41 -11.81 -6.50 -10.72
CA VAL A 41 -12.71 -7.00 -11.77
C VAL A 41 -12.51 -8.47 -12.11
N LEU A 42 -11.26 -8.90 -12.23
CA LEU A 42 -11.03 -10.32 -12.53
C LEU A 42 -11.66 -11.13 -11.38
N VAL A 43 -11.46 -10.64 -10.17
CA VAL A 43 -12.00 -11.35 -9.03
C VAL A 43 -13.52 -11.34 -9.06
N LEU A 44 -14.12 -10.19 -9.33
CA LEU A 44 -15.58 -10.17 -9.45
C LEU A 44 -16.13 -11.10 -10.54
N LYS A 45 -15.41 -11.24 -11.65
CA LYS A 45 -15.83 -12.15 -12.72
C LYS A 45 -15.53 -13.66 -12.42
N GLY A 46 -14.79 -13.96 -11.34
CA GLY A 46 -14.43 -15.31 -10.91
C GLY A 46 -13.31 -15.87 -11.73
N GLU A 47 -12.61 -14.97 -12.44
CA GLU A 47 -11.40 -15.35 -13.19
C GLU A 47 -10.09 -15.31 -12.38
N ALA A 48 -10.15 -14.66 -11.20
CA ALA A 48 -9.17 -14.76 -10.19
C ALA A 48 -9.89 -14.91 -8.81
N ASP A 49 -9.21 -15.55 -7.86
CA ASP A 49 -9.74 -15.78 -6.47
C ASP A 49 -9.47 -14.66 -5.47
N ALA A 50 -8.27 -14.08 -5.55
CA ALA A 50 -7.78 -13.29 -4.42
C ALA A 50 -6.55 -12.43 -4.74
N LEU A 51 -6.37 -11.41 -3.92
CA LEU A 51 -5.16 -10.58 -3.90
C LEU A 51 -5.11 -9.83 -2.60
N ASN A 52 -3.89 -9.35 -2.32
CA ASN A 52 -3.68 -8.52 -1.11
C ASN A 52 -3.80 -7.01 -1.49
N LEU A 53 -4.64 -6.26 -0.78
CA LEU A 53 -4.96 -4.90 -1.09
C LEU A 53 -4.64 -3.96 0.04
N ASP A 54 -4.18 -2.72 -0.31
CA ASP A 54 -4.29 -1.58 0.59
C ASP A 54 -5.75 -1.31 1.00
N GLY A 55 -5.96 -0.72 2.18
CA GLY A 55 -7.30 -0.31 2.60
C GLY A 55 -8.20 0.52 1.67
N GLY A 56 -7.64 1.52 0.91
CA GLY A 56 -8.41 2.28 -0.05
C GLY A 56 -8.94 1.36 -1.14
N TYR A 57 -8.16 0.34 -1.47
CA TYR A 57 -8.64 -0.69 -2.46
C TYR A 57 -9.60 -1.69 -1.84
N ILE A 58 -9.47 -1.94 -0.55
CA ILE A 58 -10.48 -2.78 0.13
C ILE A 58 -11.82 -2.10 0.07
N TYR A 59 -11.86 -0.75 0.17
CA TYR A 59 -13.14 0.02 0.06
C TYR A 59 -13.83 -0.22 -1.32
N THR A 60 -13.10 -0.03 -2.40
CA THR A 60 -13.56 -0.38 -3.77
C THR A 60 -14.04 -1.84 -3.85
N ALA A 61 -13.19 -2.77 -3.46
CA ALA A 61 -13.51 -4.18 -3.59
C ALA A 61 -14.74 -4.56 -2.72
N GLY A 62 -14.90 -3.89 -1.56
CA GLY A 62 -15.88 -4.32 -0.56
C GLY A 62 -17.24 -3.71 -0.98
N LYS A 63 -17.22 -2.53 -1.59
CA LYS A 63 -18.40 -1.99 -2.24
C LYS A 63 -18.95 -2.91 -3.36
N CYS A 64 -18.09 -3.78 -3.91
CA CYS A 64 -18.45 -4.63 -5.06
C CYS A 64 -18.76 -6.04 -4.54
N GLY A 65 -18.73 -6.19 -3.21
CA GLY A 65 -19.07 -7.42 -2.52
C GLY A 65 -17.91 -8.35 -2.21
N LEU A 66 -16.66 -7.96 -2.41
CA LEU A 66 -15.58 -8.83 -1.99
C LEU A 66 -15.38 -8.60 -0.46
N VAL A 67 -14.75 -9.53 0.21
CA VAL A 67 -14.69 -9.55 1.66
C VAL A 67 -13.24 -9.77 2.13
N PRO A 68 -12.87 -9.18 3.26
CA PRO A 68 -11.49 -9.46 3.77
C PRO A 68 -11.32 -10.89 4.28
N VAL A 69 -10.13 -11.45 4.14
CA VAL A 69 -9.97 -12.84 4.46
C VAL A 69 -8.88 -13.11 5.51
N LEU A 70 -7.67 -12.58 5.27
CA LEU A 70 -6.60 -12.58 6.28
C LEU A 70 -5.88 -11.19 6.15
N ALA A 71 -5.30 -10.67 7.24
CA ALA A 71 -4.58 -9.39 7.23
C ALA A 71 -3.07 -9.57 7.27
N GLU A 72 -2.34 -8.71 6.58
CA GLU A 72 -0.89 -8.65 6.88
C GLU A 72 -0.61 -8.36 8.37
N ASN A 73 0.32 -9.06 8.98
CA ASN A 73 0.66 -8.66 10.33
C ASN A 73 2.16 -8.50 10.39
N ARG A 74 2.64 -7.42 10.89
CA ARG A 74 4.10 -7.29 10.94
C ARG A 74 4.60 -7.39 12.36
N LYS A 75 5.91 -7.16 12.59
CA LYS A 75 6.51 -7.18 13.95
C LYS A 75 5.76 -6.38 15.05
N SER A 76 5.64 -6.96 16.24
CA SER A 76 4.91 -6.36 17.37
C SER A 76 5.76 -6.14 18.66
N SER A 77 5.07 -6.01 19.80
CA SER A 77 5.67 -5.89 21.15
C SER A 77 4.66 -6.26 22.25
N LYS A 78 3.46 -5.66 22.19
CA LYS A 78 2.32 -6.12 22.98
C LYS A 78 1.59 -7.23 22.21
N HIS A 79 1.09 -8.23 22.96
CA HIS A 79 0.58 -9.51 22.42
C HIS A 79 1.70 -10.42 21.96
N SER A 80 2.88 -10.33 22.57
CA SER A 80 4.06 -11.09 22.12
C SER A 80 4.00 -12.57 22.52
N SER A 81 3.11 -12.90 23.44
CA SER A 81 2.84 -14.29 23.84
C SER A 81 2.06 -15.07 22.75
N LEU A 82 1.36 -14.34 21.90
CA LEU A 82 0.51 -14.90 20.84
C LEU A 82 1.27 -15.23 19.54
N ASP A 83 0.87 -16.30 18.88
CA ASP A 83 1.35 -16.61 17.54
C ASP A 83 0.92 -15.44 16.64
N CYS A 84 1.81 -15.06 15.71
CA CYS A 84 1.52 -14.09 14.64
C CYS A 84 0.14 -14.29 13.98
N VAL A 85 -0.21 -15.51 13.59
CA VAL A 85 -1.52 -15.80 12.98
C VAL A 85 -2.77 -15.38 13.79
N LEU A 86 -2.64 -15.34 15.13
CA LEU A 86 -3.76 -15.07 16.04
C LEU A 86 -3.71 -13.69 16.64
N ARG A 87 -2.60 -13.01 16.46
CA ARG A 87 -2.39 -11.71 17.04
C ARG A 87 -3.30 -10.71 16.31
N PRO A 88 -3.99 -9.81 17.05
CA PRO A 88 -4.76 -8.77 16.33
C PRO A 88 -3.83 -7.84 15.53
N THR A 89 -4.36 -7.11 14.55
CA THR A 89 -3.47 -6.21 13.80
C THR A 89 -3.54 -4.85 14.45
N GLU A 90 -2.48 -4.08 14.30
CA GLU A 90 -2.36 -2.78 14.95
C GLU A 90 -2.40 -1.60 13.98
N GLY A 91 -2.41 -1.84 12.68
CA GLY A 91 -2.60 -0.70 11.73
C GLY A 91 -1.21 -0.13 11.47
N TYR A 92 -1.07 0.81 10.54
CA TYR A 92 0.25 1.38 10.33
C TYR A 92 0.06 2.87 10.34
N LEU A 93 1.16 3.63 10.55
CA LEU A 93 1.09 5.08 10.59
C LEU A 93 1.30 5.68 9.20
N ALA A 94 0.29 6.44 8.73
CA ALA A 94 0.32 7.20 7.52
C ALA A 94 1.07 8.51 7.90
N VAL A 95 2.14 8.85 7.19
CA VAL A 95 2.93 10.01 7.51
C VAL A 95 3.15 10.88 6.26
N ALA A 96 3.58 12.13 6.46
CA ALA A 96 4.00 12.98 5.36
C ALA A 96 5.46 13.33 5.67
N VAL A 97 6.31 13.08 4.68
CA VAL A 97 7.75 13.03 4.87
C VAL A 97 8.36 14.06 3.91
N VAL A 98 9.27 14.86 4.45
CA VAL A 98 9.99 15.83 3.65
C VAL A 98 11.47 15.79 3.95
N LYS A 99 12.25 16.56 3.18
CA LYS A 99 13.70 16.64 3.39
C LYS A 99 13.96 17.56 4.58
N LYS A 100 14.82 17.10 5.52
CA LYS A 100 15.24 18.06 6.59
C LYS A 100 15.79 19.39 6.01
N ALA A 101 16.53 19.29 4.92
CA ALA A 101 17.08 20.52 4.31
C ALA A 101 16.07 21.38 3.65
N ASN A 102 14.83 20.91 3.42
CA ASN A 102 13.75 21.76 2.89
C ASN A 102 13.10 22.48 4.09
N GLU A 103 13.75 23.54 4.59
CA GLU A 103 13.48 24.08 5.88
C GLU A 103 12.20 24.97 5.85
N GLY A 104 11.40 24.95 6.90
CA GLY A 104 10.10 25.76 6.75
C GLY A 104 8.99 25.23 5.78
N LEU A 105 9.19 24.08 5.13
CA LEU A 105 8.05 23.33 4.59
C LEU A 105 7.28 22.73 5.80
N THR A 106 6.03 23.13 5.99
CA THR A 106 5.20 22.40 6.98
C THR A 106 3.91 21.93 6.31
N TRP A 107 3.06 21.24 7.11
CA TRP A 107 1.73 20.82 6.69
C TRP A 107 1.00 22.04 6.17
N ASN A 108 1.25 23.16 6.84
CA ASN A 108 0.55 24.42 6.51
C ASN A 108 1.18 25.16 5.32
N SER A 109 2.30 24.69 4.81
CA SER A 109 2.81 25.39 3.64
C SER A 109 2.84 24.48 2.43
N LEU A 110 1.99 23.43 2.43
CA LEU A 110 2.01 22.42 1.35
C LEU A 110 1.49 22.99 0.00
N LYS A 111 0.62 24.02 0.03
CA LYS A 111 0.05 24.53 -1.21
C LYS A 111 1.12 24.89 -2.29
N ASP A 112 0.93 24.45 -3.55
CA ASP A 112 1.89 24.71 -4.67
C ASP A 112 3.20 23.99 -4.63
N LYS A 113 3.39 23.13 -3.64
CA LYS A 113 4.59 22.27 -3.65
C LYS A 113 4.36 21.05 -4.53
N LYS A 114 5.40 20.22 -4.67
CA LYS A 114 5.44 19.01 -5.48
C LYS A 114 5.24 17.81 -4.57
N SER A 115 4.24 16.97 -4.91
CA SER A 115 3.95 15.78 -4.02
C SER A 115 4.25 14.44 -4.70
N CYS A 116 4.60 13.46 -3.87
CA CYS A 116 4.71 12.06 -4.26
C CYS A 116 3.70 11.24 -3.46
N HIS A 117 2.89 10.46 -4.17
CA HIS A 117 1.78 9.68 -3.59
C HIS A 117 1.97 8.27 -4.03
N THR A 118 1.58 7.29 -3.21
CA THR A 118 1.85 5.88 -3.49
C THR A 118 1.05 5.47 -4.77
N ALA A 119 -0.23 5.95 -4.82
CA ALA A 119 -1.23 5.78 -5.99
C ALA A 119 -2.49 6.45 -5.58
N VAL A 120 -3.24 6.94 -6.55
CA VAL A 120 -4.60 7.42 -6.24
C VAL A 120 -5.36 6.21 -5.59
N ASP A 121 -6.24 6.56 -4.67
CA ASP A 121 -7.20 5.67 -3.94
C ASP A 121 -6.53 4.83 -2.85
N ARG A 122 -5.21 4.97 -2.69
CA ARG A 122 -4.60 4.27 -1.59
C ARG A 122 -4.68 5.02 -0.21
N THR A 123 -4.54 4.30 0.90
CA THR A 123 -4.75 4.89 2.21
C THR A 123 -3.74 6.02 2.57
N ALA A 124 -2.46 5.66 2.72
CA ALA A 124 -1.47 6.66 3.25
C ALA A 124 -1.14 7.56 2.06
N GLY A 125 -1.26 7.05 0.84
CA GLY A 125 -0.65 7.82 -0.27
C GLY A 125 -1.68 8.81 -0.73
N TRP A 126 -2.95 8.55 -0.36
CA TRP A 126 -4.03 9.39 -1.08
C TRP A 126 -5.23 9.64 -0.27
N ASN A 127 -5.99 8.59 0.16
CA ASN A 127 -7.32 9.00 0.82
C ASN A 127 -7.21 9.91 2.11
N ILE A 128 -6.20 9.66 2.90
CA ILE A 128 -5.92 10.37 4.18
C ILE A 128 -5.37 11.80 3.89
N PRO A 129 -4.26 11.95 3.10
CA PRO A 129 -3.73 13.32 2.85
C PRO A 129 -4.72 14.17 2.04
N MET A 130 -5.32 13.65 0.98
CA MET A 130 -6.25 14.44 0.17
C MET A 130 -7.59 14.67 0.85
N GLY A 131 -8.01 13.69 1.66
CA GLY A 131 -9.21 13.81 2.48
C GLY A 131 -8.99 14.97 3.42
N LEU A 132 -7.81 14.99 4.07
CA LEU A 132 -7.54 16.09 5.04
C LEU A 132 -7.42 17.43 4.33
N ILE A 133 -6.70 17.45 3.20
CA ILE A 133 -6.51 18.71 2.48
C ILE A 133 -7.83 19.29 1.94
N VAL A 134 -8.69 18.44 1.33
CA VAL A 134 -10.03 18.88 0.84
C VAL A 134 -10.81 19.47 2.00
N ASN A 135 -10.79 18.77 3.13
CA ASN A 135 -11.47 19.24 4.33
C ASN A 135 -10.93 20.56 4.77
N GLN A 136 -9.61 20.67 4.92
CA GLN A 136 -9.04 21.92 5.41
C GLN A 136 -9.14 23.10 4.46
N THR A 137 -9.13 22.85 3.16
CA THR A 137 -9.28 23.96 2.21
C THR A 137 -10.75 24.34 1.89
N GLY A 138 -11.68 23.48 2.23
CA GLY A 138 -13.05 23.72 1.83
C GLY A 138 -13.26 23.49 0.35
N SER A 139 -12.40 22.71 -0.29
CA SER A 139 -12.45 22.64 -1.76
C SER A 139 -12.20 21.27 -2.32
N CYS A 140 -13.07 20.86 -3.26
CA CYS A 140 -12.92 19.60 -3.96
C CYS A 140 -11.81 19.60 -5.01
N ALA A 141 -11.16 20.74 -5.21
CA ALA A 141 -10.18 20.86 -6.26
C ALA A 141 -8.77 20.36 -5.82
N PHE A 142 -8.71 19.14 -5.25
CA PHE A 142 -7.45 18.42 -4.85
C PHE A 142 -6.41 18.25 -5.96
N ASP A 143 -6.85 18.45 -7.20
CA ASP A 143 -5.98 18.34 -8.37
C ASP A 143 -5.34 19.63 -8.74
N GLU A 144 -5.71 20.69 -8.03
CA GLU A 144 -5.10 22.01 -8.15
C GLU A 144 -4.28 22.45 -6.94
N PHE A 145 -4.22 21.63 -5.92
CA PHE A 145 -3.53 22.00 -4.71
C PHE A 145 -2.00 21.93 -4.82
N PHE A 146 -1.48 20.81 -5.30
CA PHE A 146 -0.03 20.68 -5.46
C PHE A 146 0.30 21.18 -6.88
N SER A 147 1.43 21.88 -7.06
CA SER A 147 1.78 22.33 -8.42
C SER A 147 1.97 21.16 -9.40
N GLN A 148 2.70 20.08 -9.01
CA GLN A 148 2.95 18.88 -9.80
C GLN A 148 2.97 17.72 -8.75
N SER A 149 2.63 16.53 -9.18
CA SER A 149 2.73 15.31 -8.36
C SER A 149 3.06 14.07 -9.18
N CYS A 150 3.46 13.02 -8.47
CA CYS A 150 3.36 11.73 -9.06
C CYS A 150 2.25 11.01 -8.21
N ALA A 151 1.05 10.83 -8.81
CA ALA A 151 -0.10 10.13 -8.09
C ALA A 151 -0.52 9.03 -9.11
N PRO A 152 0.20 7.88 -9.16
CA PRO A 152 -0.12 6.82 -10.12
C PRO A 152 -1.58 6.44 -10.16
N GLY A 153 -2.13 6.34 -11.38
CA GLY A 153 -3.57 6.11 -11.61
C GLY A 153 -4.37 7.38 -11.94
N ALA A 154 -3.80 8.60 -11.85
CA ALA A 154 -4.46 9.85 -12.30
C ALA A 154 -4.22 9.99 -13.81
N ASP A 155 -4.87 10.95 -14.43
CA ASP A 155 -4.68 11.21 -15.90
C ASP A 155 -3.21 11.54 -16.23
N PRO A 156 -2.54 10.70 -17.04
CA PRO A 156 -1.09 10.81 -17.37
C PRO A 156 -0.71 12.18 -17.94
N LYS A 157 -1.67 12.93 -18.48
CA LYS A 157 -1.35 14.25 -18.99
C LYS A 157 -1.58 15.39 -17.98
N SER A 158 -2.20 15.03 -16.85
CA SER A 158 -2.51 16.01 -15.81
C SER A 158 -1.34 16.33 -14.91
N ARG A 159 -1.45 17.44 -14.22
CA ARG A 159 -0.39 17.80 -13.31
C ARG A 159 -0.18 16.73 -12.20
N LEU A 160 -1.19 15.85 -11.98
CA LEU A 160 -1.08 14.89 -10.90
C LEU A 160 -0.16 13.74 -11.31
N CYS A 161 0.20 13.66 -12.58
CA CYS A 161 1.14 12.69 -13.08
C CYS A 161 2.47 13.29 -13.57
N ALA A 162 2.56 14.61 -13.55
CA ALA A 162 3.77 15.36 -14.11
C ALA A 162 5.13 14.83 -13.61
N LEU A 163 5.17 14.39 -12.36
CA LEU A 163 6.45 13.96 -11.77
C LEU A 163 6.69 12.51 -11.91
N CYS A 164 5.65 11.76 -12.35
CA CYS A 164 5.88 10.33 -12.52
C CYS A 164 6.89 10.04 -13.65
N ALA A 165 7.72 8.98 -13.50
CA ALA A 165 8.79 8.66 -14.45
C ALA A 165 8.57 7.48 -15.37
N GLY A 166 7.59 6.60 -15.11
CA GLY A 166 7.32 5.52 -16.04
C GLY A 166 8.45 4.52 -15.78
N ASP A 167 8.64 3.58 -16.70
CA ASP A 167 9.53 2.42 -16.50
C ASP A 167 10.94 2.69 -17.10
N ASP A 168 11.81 1.69 -17.15
CA ASP A 168 13.23 1.97 -17.43
C ASP A 168 13.37 2.56 -18.82
N GLN A 169 12.35 2.32 -19.64
CA GLN A 169 12.22 2.87 -20.99
C GLN A 169 11.46 4.16 -21.07
N GLY A 170 10.96 4.68 -19.95
CA GLY A 170 10.09 5.87 -20.02
C GLY A 170 8.66 5.60 -20.46
N LEU A 171 8.31 4.32 -20.61
CA LEU A 171 6.97 3.95 -21.02
C LEU A 171 6.16 3.82 -19.73
N ASP A 172 4.82 3.83 -19.84
CA ASP A 172 3.95 3.45 -18.69
C ASP A 172 3.95 4.59 -17.64
N LYS A 173 4.25 5.82 -18.07
CA LYS A 173 4.32 6.92 -17.08
C LYS A 173 3.04 6.91 -16.29
N CYS A 174 3.13 6.91 -14.96
CA CYS A 174 1.97 7.07 -14.10
C CYS A 174 0.95 5.91 -14.07
N VAL A 175 1.39 4.71 -14.46
CA VAL A 175 0.53 3.51 -14.36
C VAL A 175 0.62 3.07 -12.88
N PRO A 176 -0.52 2.61 -12.34
CA PRO A 176 -0.44 2.27 -10.89
C PRO A 176 -0.03 0.82 -10.70
N ASN A 177 1.23 0.49 -11.07
CA ASN A 177 1.89 -0.82 -10.77
C ASN A 177 3.39 -0.61 -10.61
N SER A 178 4.19 -1.63 -10.23
CA SER A 178 5.52 -1.29 -9.85
C SER A 178 6.40 -0.97 -11.07
N LYS A 179 5.89 -1.04 -12.31
CA LYS A 179 6.66 -0.59 -13.46
C LYS A 179 6.95 0.89 -13.41
N GLU A 180 5.99 1.65 -12.87
CA GLU A 180 6.18 3.09 -12.65
C GLU A 180 7.27 3.27 -11.50
N LYS A 181 8.39 3.94 -11.82
CA LYS A 181 9.53 4.08 -10.87
C LYS A 181 9.07 4.64 -9.51
N TYR A 182 8.09 5.55 -9.53
CA TYR A 182 7.64 6.23 -8.31
C TYR A 182 6.34 5.62 -7.70
N TYR A 183 6.04 4.38 -8.06
CA TYR A 183 4.77 3.76 -7.61
C TYR A 183 4.90 3.20 -6.17
N GLY A 184 3.84 3.31 -5.38
CA GLY A 184 3.89 2.42 -4.17
C GLY A 184 4.64 3.16 -3.04
N TYR A 185 4.65 2.56 -1.85
CA TYR A 185 5.40 3.18 -0.76
C TYR A 185 6.85 3.49 -1.18
N THR A 186 7.54 2.49 -1.66
CA THR A 186 8.95 2.68 -1.94
C THR A 186 9.24 3.65 -3.11
N GLY A 187 8.44 3.55 -4.18
CA GLY A 187 8.44 4.53 -5.27
C GLY A 187 8.19 5.98 -4.86
N ALA A 188 7.15 6.25 -4.06
CA ALA A 188 6.93 7.54 -3.57
C ALA A 188 7.99 8.03 -2.60
N PHE A 189 8.52 7.17 -1.74
CA PHE A 189 9.63 7.66 -0.90
C PHE A 189 10.84 7.92 -1.81
N ARG A 190 11.09 7.08 -2.81
CA ARG A 190 12.14 7.41 -3.83
C ARG A 190 12.04 8.72 -4.57
N CYS A 191 10.77 9.17 -4.85
CA CYS A 191 10.42 10.45 -5.51
C CYS A 191 10.78 11.63 -4.57
N LEU A 192 10.62 11.40 -3.27
CA LEU A 192 11.20 12.36 -2.31
C LEU A 192 12.71 12.30 -2.25
N ALA A 193 13.30 11.12 -2.13
CA ALA A 193 14.71 10.98 -1.89
C ALA A 193 15.54 11.60 -3.01
N GLU A 194 15.07 11.46 -4.22
CA GLU A 194 15.77 11.95 -5.36
C GLU A 194 15.38 13.43 -5.58
N ASP A 195 14.60 13.99 -4.67
CA ASP A 195 14.04 15.37 -4.74
C ASP A 195 13.26 15.76 -5.98
N VAL A 196 12.54 14.80 -6.56
CA VAL A 196 11.59 15.13 -7.59
C VAL A 196 10.41 15.76 -6.91
N GLY A 197 10.05 15.29 -5.69
CA GLY A 197 8.92 15.97 -5.02
C GLY A 197 9.48 16.57 -3.71
N ASP A 198 8.69 17.48 -3.16
CA ASP A 198 8.91 18.10 -1.83
C ASP A 198 8.43 17.28 -0.60
N VAL A 199 7.41 16.47 -0.87
CA VAL A 199 6.69 15.69 0.19
C VAL A 199 6.27 14.31 -0.37
N ALA A 200 6.46 13.22 0.42
CA ALA A 200 5.96 11.88 0.10
C ALA A 200 4.90 11.49 1.18
N PHE A 201 3.79 10.95 0.69
CA PHE A 201 2.74 10.46 1.58
C PHE A 201 2.87 8.96 1.53
N VAL A 202 3.57 8.43 2.53
CA VAL A 202 3.82 7.01 2.69
C VAL A 202 3.49 6.62 4.13
N LYS A 203 4.07 5.57 4.61
CA LYS A 203 3.83 5.24 6.00
C LYS A 203 5.18 5.19 6.75
N ASN A 204 5.09 5.16 8.07
CA ASN A 204 6.23 5.26 8.94
C ASN A 204 7.24 4.24 8.56
N ASP A 205 6.80 3.03 8.34
CA ASP A 205 7.80 1.93 8.09
C ASP A 205 8.67 2.14 6.82
N THR A 206 8.09 2.77 5.81
CA THR A 206 8.80 3.02 4.56
C THR A 206 10.11 3.78 4.85
N VAL A 207 9.99 4.90 5.55
CA VAL A 207 11.16 5.69 5.91
C VAL A 207 12.32 4.80 6.51
N TRP A 208 12.00 3.99 7.52
CA TRP A 208 12.96 3.18 8.22
C TRP A 208 13.57 2.13 7.37
N GLU A 209 12.75 1.46 6.53
CA GLU A 209 13.26 0.37 5.72
C GLU A 209 14.08 0.83 4.53
N ASN A 210 14.05 2.12 4.22
CA ASN A 210 14.87 2.53 3.04
C ASN A 210 15.91 3.56 3.48
N THR A 211 16.32 3.46 4.74
CA THR A 211 17.34 4.42 5.29
C THR A 211 18.42 3.69 6.13
N ASN A 212 19.63 4.27 6.21
CA ASN A 212 20.65 3.84 7.17
C ASN A 212 21.04 2.42 6.88
N GLY A 213 21.16 2.12 5.60
CA GLY A 213 21.62 0.82 5.15
C GLY A 213 20.62 -0.33 5.20
N GLU A 214 19.36 -0.03 5.53
CA GLU A 214 18.33 -1.09 5.60
C GLU A 214 17.96 -1.57 4.17
N SER A 215 18.14 -0.69 3.19
CA SER A 215 18.05 -1.09 1.78
C SER A 215 19.43 -0.90 1.08
N THR A 216 19.82 -1.87 0.25
CA THR A 216 21.12 -1.85 -0.48
C THR A 216 20.91 -1.23 -1.87
N ALA A 217 19.66 -0.89 -2.17
CA ALA A 217 19.28 -0.46 -3.51
C ALA A 217 19.97 0.86 -3.77
N ASP A 218 20.34 1.11 -5.01
CA ASP A 218 21.25 2.20 -5.34
C ASP A 218 20.74 3.59 -4.96
N TRP A 219 19.41 3.80 -5.03
CA TRP A 219 18.86 5.11 -4.76
C TRP A 219 18.73 5.25 -3.26
N ALA A 220 18.71 4.12 -2.55
CA ALA A 220 18.47 4.18 -1.11
C ALA A 220 19.72 3.94 -0.21
N LYS A 221 20.74 3.26 -0.75
CA LYS A 221 21.90 2.83 0.03
C LYS A 221 22.60 3.96 0.80
N ASN A 222 22.50 5.19 0.32
CA ASN A 222 23.15 6.29 0.97
C ASN A 222 22.25 7.20 1.79
N LEU A 223 20.94 6.96 1.84
CA LEU A 223 20.05 7.80 2.62
C LEU A 223 20.17 7.61 4.16
N LYS A 224 20.14 8.72 4.90
CA LYS A 224 20.23 8.70 6.36
C LYS A 224 18.96 9.30 6.88
N ARG A 225 18.34 8.64 7.87
CA ARG A 225 17.07 9.11 8.46
C ARG A 225 17.06 10.51 8.95
N GLU A 226 18.26 10.96 9.29
CA GLU A 226 18.43 12.25 9.91
C GLU A 226 18.20 13.35 8.89
N ASP A 227 18.31 13.01 7.62
CA ASP A 227 18.04 13.94 6.54
C ASP A 227 16.54 14.11 6.22
N PHE A 228 15.68 13.45 6.98
CA PHE A 228 14.23 13.49 6.79
C PHE A 228 13.52 13.96 8.03
N ARG A 229 12.33 14.58 7.84
CA ARG A 229 11.43 15.00 8.91
C ARG A 229 9.98 14.56 8.53
N LEU A 230 9.15 14.33 9.55
CA LEU A 230 7.71 14.21 9.37
C LEU A 230 7.03 15.54 9.56
N LEU A 231 5.94 15.74 8.83
CA LEU A 231 5.05 16.88 8.97
C LEU A 231 3.89 16.49 9.89
N CYS A 232 3.79 17.13 11.04
CA CYS A 232 2.69 16.87 11.96
C CYS A 232 1.51 17.77 11.63
N LEU A 233 0.30 17.31 11.91
CA LEU A 233 -0.89 18.11 11.58
C LEU A 233 -1.03 19.48 12.30
N ASP A 234 -0.28 19.65 13.37
CA ASP A 234 -0.24 20.93 14.09
C ASP A 234 0.78 21.92 13.52
N GLY A 235 1.35 21.65 12.35
CA GLY A 235 2.26 22.59 11.81
C GLY A 235 3.71 22.40 12.17
N THR A 236 4.04 21.50 13.10
CA THR A 236 5.42 21.22 13.48
C THR A 236 6.05 20.16 12.57
N ARG A 237 7.37 20.07 12.65
CA ARG A 237 8.15 19.06 11.97
C ARG A 237 8.90 18.23 13.04
N LYS A 238 8.86 16.92 12.91
CA LYS A 238 9.64 16.03 13.79
C LYS A 238 10.54 15.06 13.10
N PRO A 239 11.57 14.55 13.82
CA PRO A 239 12.34 13.42 13.39
C PRO A 239 11.49 12.20 13.20
N VAL A 240 12.03 11.32 12.39
CA VAL A 240 11.25 10.20 11.89
C VAL A 240 11.14 9.18 12.98
N THR A 241 11.73 9.45 14.15
CA THR A 241 11.61 8.55 15.29
C THR A 241 10.33 8.86 16.08
N GLU A 242 9.69 10.00 15.78
CA GLU A 242 8.50 10.46 16.51
C GLU A 242 7.23 10.22 15.76
N ALA A 243 7.18 9.19 14.92
CA ALA A 243 5.96 9.01 14.11
C ALA A 243 4.69 8.77 15.03
N GLN A 244 4.86 8.21 16.25
CA GLN A 244 3.69 7.93 17.11
C GLN A 244 3.01 9.21 17.51
N SER A 245 3.76 10.32 17.51
CA SER A 245 3.10 11.62 17.78
C SER A 245 3.07 12.52 16.63
N CYS A 246 3.40 12.00 15.44
CA CYS A 246 3.44 12.92 14.31
C CYS A 246 2.95 12.19 13.00
N HIS A 247 1.66 11.83 12.92
CA HIS A 247 1.18 11.06 11.75
C HIS A 247 -0.12 11.66 11.31
N LEU A 248 -0.62 11.31 10.11
CA LEU A 248 -1.87 11.83 9.66
C LEU A 248 -2.96 10.89 10.01
N ALA A 249 -2.67 9.61 10.23
CA ALA A 249 -3.73 8.65 10.61
C ALA A 249 -3.09 7.29 10.89
N VAL A 250 -3.87 6.40 11.52
CA VAL A 250 -3.52 5.06 11.71
C VAL A 250 -4.36 4.33 10.57
N ALA A 251 -3.67 3.60 9.75
CA ALA A 251 -4.37 2.97 8.59
C ALA A 251 -4.63 1.48 8.91
N PRO A 252 -5.77 0.90 8.43
CA PRO A 252 -5.93 -0.54 8.59
C PRO A 252 -4.96 -1.29 7.75
N ASN A 253 -4.32 -2.37 8.26
CA ASN A 253 -3.42 -3.11 7.51
C ASN A 253 -4.00 -3.54 6.15
N HIS A 254 -3.08 -3.65 5.15
CA HIS A 254 -3.32 -4.37 3.90
C HIS A 254 -3.88 -5.76 4.22
N ALA A 255 -4.86 -6.19 3.43
CA ALA A 255 -5.50 -7.51 3.69
C ALA A 255 -5.86 -8.21 2.37
N VAL A 256 -5.75 -9.54 2.38
CA VAL A 256 -6.33 -10.39 1.34
C VAL A 256 -7.88 -10.22 1.21
N VAL A 257 -8.36 -9.93 -0.02
CA VAL A 257 -9.78 -9.99 -0.29
C VAL A 257 -10.10 -11.14 -1.30
N SER A 258 -11.31 -11.66 -1.18
CA SER A 258 -11.82 -12.66 -2.13
C SER A 258 -13.31 -12.52 -2.29
N ARG A 259 -13.85 -13.18 -3.30
CA ARG A 259 -15.27 -13.35 -3.26
C ARG A 259 -15.64 -14.09 -2.02
N SER A 260 -16.76 -13.69 -1.49
CA SER A 260 -17.31 -14.36 -0.31
C SER A 260 -17.40 -15.89 -0.46
N ASP A 261 -17.91 -16.31 -1.60
CA ASP A 261 -18.06 -17.71 -1.89
C ASP A 261 -16.76 -18.52 -1.95
N ARG A 262 -15.63 -17.84 -2.10
CA ARG A 262 -14.33 -18.50 -2.11
C ARG A 262 -13.50 -18.22 -0.82
N ALA A 263 -14.01 -17.35 0.05
CA ALA A 263 -13.19 -16.87 1.18
C ALA A 263 -12.59 -17.99 2.04
N ALA A 264 -13.41 -19.01 2.36
CA ALA A 264 -12.94 -20.08 3.25
C ALA A 264 -11.85 -20.88 2.58
N HIS A 265 -11.97 -21.11 1.27
CA HIS A 265 -10.94 -21.93 0.56
C HIS A 265 -9.61 -21.15 0.44
N VAL A 266 -9.75 -19.86 0.19
CA VAL A 266 -8.54 -18.96 0.01
C VAL A 266 -7.78 -18.89 1.36
N GLU A 267 -8.52 -18.73 2.45
CA GLU A 267 -7.95 -18.73 3.78
C GLU A 267 -7.16 -20.02 4.09
N GLN A 268 -7.80 -21.16 3.87
CA GLN A 268 -7.14 -22.43 4.18
C GLN A 268 -5.83 -22.57 3.40
N VAL A 269 -5.88 -22.26 2.11
CA VAL A 269 -4.75 -22.41 1.22
C VAL A 269 -3.67 -21.45 1.67
N LEU A 270 -4.02 -20.20 1.98
CA LEU A 270 -2.98 -19.24 2.43
C LEU A 270 -2.28 -19.59 3.74
N LEU A 271 -3.05 -20.05 4.72
CA LEU A 271 -2.48 -20.46 5.99
C LEU A 271 -1.42 -21.57 5.77
N HIS A 272 -1.71 -22.53 4.90
CA HIS A 272 -0.72 -23.56 4.54
C HIS A 272 0.37 -23.03 3.64
N GLN A 273 0.04 -22.12 2.72
CA GLN A 273 1.15 -21.57 1.91
C GLN A 273 2.18 -20.84 2.78
N GLN A 274 1.73 -20.06 3.76
CA GLN A 274 2.67 -19.36 4.60
C GLN A 274 3.47 -20.24 5.59
N ALA A 275 2.93 -21.42 5.97
CA ALA A 275 3.71 -22.38 6.74
C ALA A 275 4.91 -22.86 5.89
N LEU A 276 4.74 -22.94 4.57
CA LEU A 276 5.82 -23.32 3.70
C LEU A 276 6.76 -22.14 3.35
N PHE A 277 6.18 -20.97 3.04
CA PHE A 277 6.96 -19.87 2.42
C PHE A 277 7.03 -18.53 3.18
N GLY A 278 6.33 -18.43 4.31
CA GLY A 278 6.31 -17.20 5.05
C GLY A 278 7.58 -17.09 5.90
N LYS A 279 7.53 -16.20 6.88
CA LYS A 279 8.74 -15.73 7.58
C LYS A 279 9.67 -16.81 8.13
N ASN A 280 9.17 -17.75 8.91
CA ASN A 280 10.05 -18.91 9.29
C ASN A 280 9.69 -20.18 8.50
N GLY A 281 9.05 -20.01 7.35
CA GLY A 281 8.54 -21.13 6.59
C GLY A 281 9.53 -22.23 6.34
N LYS A 282 8.99 -23.45 6.25
CA LYS A 282 9.77 -24.64 5.98
C LYS A 282 10.68 -24.47 4.77
N ASN A 283 10.23 -23.68 3.78
CA ASN A 283 10.96 -23.57 2.51
C ASN A 283 11.54 -22.19 2.21
N CYS A 284 11.49 -21.31 3.20
CA CYS A 284 12.04 -19.96 3.14
C CYS A 284 13.07 -19.84 4.25
N PRO A 285 14.34 -19.49 3.90
CA PRO A 285 14.85 -18.87 2.65
C PRO A 285 15.21 -19.81 1.51
N ASP A 286 15.20 -21.11 1.81
CA ASP A 286 15.74 -22.16 0.97
C ASP A 286 15.25 -22.14 -0.47
N LYS A 287 13.93 -22.15 -0.65
CA LYS A 287 13.32 -22.22 -1.98
C LYS A 287 12.57 -20.96 -2.37
N PHE A 288 11.73 -20.45 -1.47
CA PHE A 288 10.89 -19.33 -1.81
C PHE A 288 10.43 -18.64 -0.56
N CYS A 289 10.50 -17.31 -0.56
CA CYS A 289 9.91 -16.49 0.48
C CYS A 289 8.80 -15.60 -0.09
N LEU A 290 7.59 -15.90 0.34
CA LEU A 290 6.40 -15.20 -0.07
C LEU A 290 6.44 -13.67 0.33
N PHE A 291 7.16 -13.36 1.42
CA PHE A 291 7.09 -12.00 1.98
C PHE A 291 8.41 -11.26 1.67
N LYS A 292 9.18 -11.76 0.69
CA LYS A 292 10.38 -11.03 0.23
C LYS A 292 10.29 -10.71 -1.25
N SER A 293 10.79 -9.54 -1.63
CA SER A 293 10.97 -9.18 -3.05
C SER A 293 11.97 -8.02 -3.21
N GLU A 294 13.08 -8.15 -2.51
CA GLU A 294 14.08 -7.04 -2.42
C GLU A 294 13.45 -5.63 -2.33
N THR A 295 12.64 -5.40 -1.29
CA THR A 295 12.03 -4.07 -0.94
C THR A 295 10.98 -3.47 -1.93
N LYS A 296 10.58 -4.26 -2.89
CA LYS A 296 9.65 -3.80 -3.86
C LYS A 296 8.24 -4.14 -3.44
N ASN A 297 8.03 -4.83 -2.31
CA ASN A 297 6.64 -5.02 -1.75
C ASN A 297 5.76 -5.69 -2.83
N LEU A 298 6.24 -6.77 -3.41
CA LEU A 298 5.48 -7.40 -4.50
C LEU A 298 4.56 -8.49 -3.90
N LEU A 299 3.26 -8.36 -4.15
CA LEU A 299 2.14 -9.30 -3.68
C LEU A 299 1.78 -9.02 -2.21
N PHE A 300 2.81 -8.87 -1.37
CA PHE A 300 2.67 -8.51 0.03
C PHE A 300 3.75 -7.51 0.37
N ASN A 301 3.50 -6.70 1.41
CA ASN A 301 4.61 -5.89 2.01
C ASN A 301 5.80 -6.78 2.45
N ASP A 302 7.00 -6.36 2.08
CA ASP A 302 8.17 -7.18 2.52
C ASP A 302 8.29 -7.18 4.07
N ASN A 303 7.79 -6.20 4.77
CA ASN A 303 7.82 -6.30 6.29
C ASN A 303 6.73 -7.22 6.93
N THR A 304 5.93 -7.93 6.11
CA THR A 304 4.91 -8.82 6.66
C THR A 304 5.54 -9.97 7.40
N GLU A 305 5.16 -10.17 8.63
CA GLU A 305 5.59 -11.38 9.37
C GLU A 305 4.68 -12.60 9.12
N CYS A 306 3.36 -12.38 9.07
CA CYS A 306 2.46 -13.45 8.64
C CYS A 306 1.17 -12.81 8.11
N LEU A 307 0.34 -13.63 7.51
CA LEU A 307 -1.06 -13.26 7.32
C LEU A 307 -1.83 -13.85 8.55
N ALA A 308 -2.63 -13.00 9.16
CA ALA A 308 -3.31 -13.29 10.45
C ALA A 308 -4.81 -13.43 10.26
N LYS A 309 -5.43 -14.31 11.04
CA LYS A 309 -6.91 -14.42 11.10
C LYS A 309 -7.56 -13.12 11.61
N LEU A 310 -8.76 -12.81 11.10
CA LEU A 310 -9.49 -11.66 11.53
C LEU A 310 -10.48 -12.05 12.66
N GLY A 311 -10.56 -11.26 13.72
CA GLY A 311 -11.54 -11.43 14.78
C GLY A 311 -12.88 -10.90 14.31
N GLY A 312 -13.92 -11.69 14.57
CA GLY A 312 -15.26 -11.29 14.30
C GLY A 312 -15.73 -11.39 12.86
N ARG A 313 -15.12 -12.19 12.00
CA ARG A 313 -15.63 -12.28 10.58
C ARG A 313 -16.11 -10.92 10.07
N PRO A 314 -15.18 -9.93 10.02
CA PRO A 314 -15.65 -8.58 9.75
C PRO A 314 -16.08 -8.39 8.30
N THR A 315 -17.05 -7.51 8.11
CA THR A 315 -17.39 -7.06 6.78
C THR A 315 -16.28 -6.06 6.37
N TYR A 316 -16.26 -5.64 5.12
CA TYR A 316 -15.17 -4.72 4.73
C TYR A 316 -15.25 -3.38 5.55
N GLU A 317 -16.47 -2.96 5.86
CA GLU A 317 -16.72 -1.78 6.72
C GLU A 317 -16.22 -1.90 8.15
N GLU A 318 -16.46 -3.05 8.75
CA GLU A 318 -15.95 -3.33 10.07
C GLU A 318 -14.40 -3.42 10.03
N TYR A 319 -13.85 -4.07 8.99
CA TYR A 319 -12.39 -4.18 8.85
C TYR A 319 -11.69 -2.78 8.71
N LEU A 320 -12.23 -1.98 7.81
CA LEU A 320 -11.73 -0.62 7.59
C LEU A 320 -11.96 0.30 8.79
N GLY A 321 -13.12 0.11 9.45
CA GLY A 321 -13.51 0.99 10.51
C GLY A 321 -14.39 2.05 9.92
N THR A 322 -15.46 2.32 10.64
CA THR A 322 -16.46 3.29 10.27
C THR A 322 -15.95 4.71 9.94
N GLU A 323 -14.99 5.18 10.71
CA GLU A 323 -14.44 6.49 10.49
C GLU A 323 -13.63 6.55 9.18
N TYR A 324 -12.80 5.55 8.91
CA TYR A 324 -12.06 5.52 7.65
C TYR A 324 -13.02 5.43 6.49
N VAL A 325 -14.06 4.58 6.63
CA VAL A 325 -15.03 4.41 5.53
C VAL A 325 -15.70 5.72 5.16
N THR A 326 -16.10 6.47 6.18
CA THR A 326 -16.79 7.78 5.97
C THR A 326 -15.84 8.83 5.39
N ALA A 327 -14.59 8.83 5.86
CA ALA A 327 -13.56 9.71 5.27
C ALA A 327 -13.44 9.43 3.76
N ILE A 328 -13.35 8.13 3.34
CA ILE A 328 -13.31 7.73 1.92
C ILE A 328 -14.59 8.18 1.20
N ALA A 329 -15.75 7.89 1.79
CA ALA A 329 -17.02 8.34 1.17
C ALA A 329 -17.01 9.81 0.84
N ASN A 330 -16.71 10.64 1.86
CA ASN A 330 -16.73 12.12 1.79
C ASN A 330 -15.80 12.66 0.70
N LEU A 331 -14.62 12.07 0.62
CA LEU A 331 -13.62 12.49 -0.36
C LEU A 331 -14.13 12.17 -1.77
N LYS A 332 -14.73 10.98 -1.91
CA LYS A 332 -15.29 10.55 -3.21
C LYS A 332 -16.43 11.42 -3.70
N LYS A 333 -17.03 12.20 -2.82
CA LYS A 333 -18.05 13.15 -3.24
C LYS A 333 -17.42 14.19 -4.15
N CYS A 334 -16.11 14.39 -4.02
CA CYS A 334 -15.46 15.35 -4.87
C CYS A 334 -15.37 14.96 -6.32
N SER A 335 -15.23 13.69 -6.59
CA SER A 335 -14.89 13.29 -7.94
C SER A 335 -15.75 12.15 -8.43
N LEU B 1 -23.63 7.75 -2.80
CA LEU B 1 -23.25 7.23 -1.48
C LEU B 1 -22.86 5.72 -1.47
N GLU B 2 -23.46 4.93 -2.36
CA GLU B 2 -23.34 3.46 -2.32
C GLU B 2 -23.57 2.77 -3.67
N ALA B 3 -22.76 1.73 -3.94
CA ALA B 3 -22.86 0.87 -5.15
C ALA B 3 -21.51 0.63 -5.81
N CYS B 4 -21.34 -0.54 -6.40
CA CYS B 4 -20.07 -0.95 -6.98
C CYS B 4 -19.64 -0.08 -8.17
N ALA B 5 -18.38 0.35 -8.15
CA ALA B 5 -17.78 1.21 -9.22
C ALA B 5 -17.55 0.53 -10.59
N PHE B 6 -18.04 -0.71 -10.76
CA PHE B 6 -17.84 -1.47 -12.02
C PHE B 6 -19.15 -2.06 -12.60
C1 NAG C . -13.56 15.28 6.23
C2 NAG C . -13.13 14.18 7.18
C3 NAG C . -14.28 13.18 7.47
C4 NAG C . -15.54 13.92 7.94
C5 NAG C . -15.84 15.10 7.00
C6 NAG C . -16.93 16.01 7.61
C7 NAG C . -10.90 13.16 7.16
C8 NAG C . -9.97 12.42 6.30
N2 NAG C . -12.04 13.47 6.56
O3 NAG C . -13.88 12.25 8.47
O4 NAG C . -16.63 12.99 8.05
O5 NAG C . -14.70 15.91 6.75
O6 NAG C . -16.63 16.24 8.98
O7 NAG C . -10.59 13.47 8.33
C1 NAG C . -17.26 12.97 9.33
C2 NAG C . -18.69 12.48 9.22
C3 NAG C . -19.31 12.35 10.59
C4 NAG C . -18.46 11.46 11.47
C5 NAG C . -17.07 12.07 11.50
C6 NAG C . -16.03 11.31 12.28
C7 NAG C . -20.03 13.46 7.38
C8 NAG C . -20.68 14.73 6.96
N2 NAG C . -19.41 13.49 8.54
O3 NAG C . -20.64 11.83 10.53
O4 NAG C . -19.11 11.33 12.73
O5 NAG C . -16.57 12.12 10.19
O6 NAG C . -15.83 10.04 11.69
O7 NAG C . -20.09 12.53 6.68
C1 NAG D . 8.06 2.89 12.51
C2 NAG D . 7.93 2.26 13.90
C3 NAG D . 9.26 1.68 14.36
C4 NAG D . 9.73 0.63 13.37
C5 NAG D . 9.80 1.25 11.95
C6 NAG D . 10.04 0.18 10.89
C7 NAG D . 6.27 3.46 15.14
C8 NAG D . 5.93 4.57 16.06
N2 NAG D . 7.52 3.30 14.79
O3 NAG D . 9.01 1.01 15.58
O4 NAG D . 10.98 0.14 13.75
O5 NAG D . 8.60 1.94 11.61
O6 NAG D . 8.98 -0.74 10.90
O7 NAG D . 5.38 2.73 14.71
C1 NAG D . 10.98 -1.27 13.93
C2 NAG D . 12.43 -1.77 13.79
C3 NAG D . 12.60 -3.20 14.34
C4 NAG D . 12.05 -3.32 15.75
C5 NAG D . 10.57 -3.04 15.60
C6 NAG D . 9.90 -3.36 16.94
C7 NAG D . 13.84 -1.04 11.88
C8 NAG D . 14.18 -1.26 10.43
N2 NAG D . 12.88 -1.82 12.41
O3 NAG D . 13.94 -3.61 14.36
O4 NAG D . 12.40 -4.57 16.30
O5 NAG D . 10.37 -1.68 15.15
O6 NAG D . 9.08 -2.31 17.41
O7 NAG D . 14.42 -0.15 12.49
ZN ZN E . -19.50 -7.99 12.26
ZN ZN F . -3.04 9.05 16.02
FE FE G . -1.39 1.22 2.39
C CO3 H . -0.94 3.33 0.96
O1 CO3 H . -0.68 2.15 0.43
O2 CO3 H . -1.40 3.37 2.16
O3 CO3 H . -0.80 4.41 0.35
S SO4 I . 13.81 20.74 11.63
O1 SO4 I . 14.70 19.81 12.37
O2 SO4 I . 13.55 21.99 12.37
O3 SO4 I . 14.37 21.10 10.28
O4 SO4 I . 12.51 20.06 11.51
C1 NAG J . -0.60 -28.70 -2.16
C2 NAG J . 0.45 -28.95 -1.10
C3 NAG J . 0.38 -30.37 -0.59
C4 NAG J . -1.05 -30.75 -0.21
C5 NAG J . -2.02 -30.38 -1.32
C6 NAG J . -3.45 -30.67 -0.92
C7 NAG J . 2.25 -27.45 -1.76
C8 NAG J . 3.70 -27.34 -2.15
N2 NAG J . 1.78 -28.69 -1.64
O3 NAG J . 1.23 -30.52 0.56
O4 NAG J . -1.13 -32.15 0.06
O5 NAG J . -1.89 -29.00 -1.63
O6 NAG J . -3.75 -30.02 0.33
O7 NAG J . 1.56 -26.47 -1.56
C1 GOL K . 10.50 -11.77 -6.86
O1 GOL K . 10.37 -10.49 -6.24
C2 GOL K . 10.69 -11.41 -8.33
O2 GOL K . 10.93 -12.69 -8.94
C3 GOL K . 9.39 -10.97 -8.97
O3 GOL K . 9.53 -9.81 -9.74
N1 DCZ L . 0.68 2.08 16.23
C2 DCZ L . 2.11 2.28 16.15
N3 DCZ L . 2.77 1.90 15.03
C4 DCZ L . 2.13 1.38 13.97
C5 DCZ L . 0.73 1.20 14.02
C6 DCZ L . 0.00 1.57 15.17
O2 DCZ L . 2.81 2.77 17.09
N4 DCZ L . 2.95 1.06 12.92
C1' DCZ L . -0.13 2.10 17.45
C2' DCZ L . 0.22 3.53 17.86
C3' DCZ L . -1.06 4.25 17.57
C4' DCZ L . -2.03 3.20 18.09
O4' DCZ L . -1.57 2.04 17.36
O3' DCZ L . -1.07 5.39 18.31
C5' DCZ L . -3.45 3.70 17.84
O5' DCZ L . -4.38 2.89 18.62
#